data_8A59
#
_entry.id   8A59
#
_cell.length_a   63.712
_cell.length_b   112.504
_cell.length_c   73.262
_cell.angle_alpha   90.000
_cell.angle_beta   90.000
_cell.angle_gamma   90.000
#
_symmetry.space_group_name_H-M   'C 2 2 21'
#
loop_
_entity.id
_entity.type
_entity.pdbx_description
1 polymer 'Complement component C1q receptor'
2 non-polymer GLYCEROL
3 non-polymer 'SULFATE ION'
4 water water
#
_entity_poly.entity_id   1
_entity_poly.type   'polypeptide(L)'
_entity_poly.pdbx_seq_one_letter_code
;GHMTGADTEAVVCVGTACYTAHSGKLSAAEAQNHCNQNGGNLATVKSKEEAQHVQRVLAQLLRREAALTARMSKFWIGLQ
REKGKCLDPSLPLKGFSWVGGGEDTPYSNWHKELRNSCISKRCVSLLLDLSQPLLPSRLPKWSEGPCGSPGSPGSNIEGF
VCKFSFKGMCRPLALGGPGQVTYTTPFQTTSSSLEAVPFASAANVACGEGDKDETQSHYFLCKEKAPDVFDWGSSGPLC
;
_entity_poly.pdbx_strand_id   A
#
loop_
_chem_comp.id
_chem_comp.type
_chem_comp.name
_chem_comp.formula
GOL non-polymer GLYCEROL 'C3 H8 O3'
SO4 non-polymer 'SULFATE ION' 'O4 S -2'
#
# COMPACT_ATOMS: atom_id res chain seq x y z
N THR A 8 9.53 5.65 4.83
CA THR A 8 9.47 4.19 5.11
C THR A 8 10.51 3.42 4.28
N GLU A 9 10.89 2.23 4.77
CA GLU A 9 11.72 1.31 4.01
C GLU A 9 10.85 0.18 3.48
N ALA A 10 9.57 0.18 3.88
CA ALA A 10 8.67 -0.88 3.47
C ALA A 10 8.03 -0.50 2.13
N VAL A 11 8.46 -1.18 1.08
CA VAL A 11 7.97 -0.92 -0.27
C VAL A 11 8.04 -2.22 -1.05
N VAL A 12 6.98 -2.46 -1.83
CA VAL A 12 6.94 -3.52 -2.83
C VAL A 12 6.42 -2.87 -4.10
N CYS A 13 7.06 -3.15 -5.25
CA CYS A 13 6.54 -2.76 -6.56
C CYS A 13 6.53 -3.98 -7.45
N VAL A 14 5.36 -4.27 -8.03
CA VAL A 14 5.10 -5.41 -8.91
C VAL A 14 4.21 -4.88 -10.04
N GLY A 15 4.62 -5.13 -11.28
CA GLY A 15 3.80 -4.73 -12.44
C GLY A 15 3.63 -3.22 -12.46
N THR A 16 2.37 -2.76 -12.48
CA THR A 16 2.11 -1.33 -12.55
C THR A 16 1.90 -0.72 -11.17
N ALA A 17 2.09 -1.48 -10.08
CA ALA A 17 1.68 -0.96 -8.78
C ALA A 17 2.84 -1.00 -7.78
N CYS A 18 2.96 0.04 -6.95
CA CYS A 18 3.80 0.06 -5.77
C CYS A 18 2.94 0.26 -4.53
N TYR A 19 3.36 -0.34 -3.42
CA TYR A 19 2.66 -0.25 -2.14
C TYR A 19 3.71 0.10 -1.09
N THR A 20 3.31 0.92 -0.12
CA THR A 20 4.19 1.30 0.96
C THR A 20 3.36 1.17 2.23
N ALA A 21 4.03 0.78 3.32
CA ALA A 21 3.40 0.65 4.62
C ALA A 21 4.12 1.65 5.52
N HIS A 22 3.35 2.36 6.33
CA HIS A 22 3.85 3.41 7.19
C HIS A 22 3.38 3.14 8.62
N SER A 23 4.21 3.50 9.60
CA SER A 23 3.70 3.59 10.96
C SER A 23 3.32 5.03 11.27
N GLY A 24 2.28 5.21 12.09
CA GLY A 24 1.67 6.52 12.25
C GLY A 24 0.32 6.40 12.93
N LYS A 25 0.00 7.39 13.78
CA LYS A 25 -1.31 7.38 14.40
C LYS A 25 -2.12 8.51 13.77
N LEU A 26 -2.52 8.27 12.52
CA LEU A 26 -3.19 9.25 11.68
C LEU A 26 -4.64 8.81 11.59
N SER A 27 -5.55 9.77 11.37
CA SER A 27 -6.94 9.44 11.04
C SER A 27 -6.95 8.95 9.59
N ALA A 28 -8.08 8.41 9.15
CA ALA A 28 -8.13 7.87 7.80
C ALA A 28 -7.98 9.01 6.80
N ALA A 29 -8.58 10.18 7.08
CA ALA A 29 -8.44 11.30 6.16
C ALA A 29 -6.98 11.74 6.07
N GLU A 30 -6.30 11.82 7.22
CA GLU A 30 -4.91 12.27 7.26
C GLU A 30 -4.00 11.28 6.54
N ALA A 31 -4.33 9.98 6.64
CA ALA A 31 -3.48 8.96 6.03
C ALA A 31 -3.66 9.05 4.51
N GLN A 32 -4.90 9.23 4.07
CA GLN A 32 -5.15 9.42 2.66
C GLN A 32 -4.38 10.64 2.15
N ASN A 33 -4.35 11.71 2.95
CA ASN A 33 -3.65 12.92 2.52
C ASN A 33 -2.14 12.67 2.42
N HIS A 34 -1.62 11.82 3.30
CA HIS A 34 -0.20 11.45 3.23
C HIS A 34 0.13 10.70 1.92
N CYS A 35 -0.68 9.71 1.54
CA CYS A 35 -0.44 8.98 0.30
C CYS A 35 -0.59 9.93 -0.89
N ASN A 36 -1.63 10.75 -0.86
CA ASN A 36 -1.95 11.64 -2.01
C ASN A 36 -0.82 12.65 -2.25
N GLN A 37 -0.29 13.25 -1.18
CA GLN A 37 0.81 14.20 -1.32
C GLN A 37 1.95 13.56 -2.12
N ASN A 38 2.01 12.22 -2.08
CA ASN A 38 3.13 11.49 -2.63
C ASN A 38 2.79 10.94 -4.01
N GLY A 39 1.60 11.26 -4.51
CA GLY A 39 1.21 10.77 -5.83
C GLY A 39 0.29 9.55 -5.84
N GLY A 40 -0.30 9.21 -4.69
CA GLY A 40 -1.04 7.95 -4.56
C GLY A 40 -2.29 8.08 -3.68
N ASN A 41 -2.68 6.96 -3.05
CA ASN A 41 -3.91 6.86 -2.30
C ASN A 41 -3.73 5.73 -1.28
N LEU A 42 -4.63 5.67 -0.30
CA LEU A 42 -4.66 4.51 0.57
C LEU A 42 -4.85 3.30 -0.34
N ALA A 43 -4.19 2.16 -0.01
CA ALA A 43 -4.20 1.01 -0.89
C ALA A 43 -5.57 0.36 -1.00
N THR A 44 -5.80 -0.23 -2.17
CA THR A 44 -6.97 -1.07 -2.36
C THR A 44 -6.59 -2.52 -2.08
N VAL A 45 -7.62 -3.32 -1.87
CA VAL A 45 -7.43 -4.76 -1.76
C VAL A 45 -8.45 -5.48 -2.62
N LYS A 46 -8.22 -5.48 -3.93
CA LYS A 46 -9.30 -5.82 -4.87
C LYS A 46 -9.29 -7.31 -5.21
N SER A 47 -8.28 -8.05 -4.72
CA SER A 47 -8.14 -9.46 -5.04
C SER A 47 -7.33 -10.10 -3.93
N LYS A 48 -7.37 -11.42 -3.83
CA LYS A 48 -6.46 -12.08 -2.92
C LYS A 48 -5.00 -11.77 -3.28
N GLU A 49 -4.68 -11.71 -4.57
CA GLU A 49 -3.29 -11.41 -4.93
C GLU A 49 -2.86 -10.02 -4.40
N GLU A 50 -3.75 -9.03 -4.49
CA GLU A 50 -3.43 -7.72 -3.93
C GLU A 50 -3.31 -7.78 -2.40
N ALA A 51 -4.16 -8.55 -1.72
CA ALA A 51 -4.04 -8.70 -0.27
C ALA A 51 -2.66 -9.27 0.13
N GLN A 52 -2.11 -10.16 -0.72
CA GLN A 52 -0.79 -10.74 -0.49
C GLN A 52 0.28 -9.68 -0.66
N HIS A 53 0.16 -8.79 -1.66
CA HIS A 53 1.15 -7.71 -1.78
C HIS A 53 1.11 -6.85 -0.53
N VAL A 54 -0.09 -6.54 -0.06
CA VAL A 54 -0.21 -5.67 1.10
C VAL A 54 0.32 -6.37 2.36
N GLN A 55 0.00 -7.65 2.52
CA GLN A 55 0.59 -8.38 3.64
C GLN A 55 2.10 -8.31 3.58
N ARG A 56 2.69 -8.41 2.38
CA ARG A 56 4.13 -8.43 2.24
C ARG A 56 4.73 -7.11 2.65
N VAL A 57 4.11 -5.99 2.26
CA VAL A 57 4.70 -4.74 2.68
C VAL A 57 4.51 -4.52 4.19
N LEU A 58 3.37 -4.96 4.74
CA LEU A 58 3.24 -4.82 6.20
C LEU A 58 4.29 -5.65 6.96
N ALA A 59 4.56 -6.87 6.46
CA ALA A 59 5.55 -7.75 7.09
C ALA A 59 6.91 -7.07 7.11
N GLN A 60 7.22 -6.35 6.03
CA GLN A 60 8.47 -5.61 5.94
C GLN A 60 8.49 -4.49 6.98
N LEU A 61 7.38 -3.77 7.09
CA LEU A 61 7.32 -2.72 8.09
C LEU A 61 7.60 -3.31 9.47
N LEU A 62 6.97 -4.44 9.82
CA LEU A 62 7.18 -4.99 11.16
C LEU A 62 8.64 -5.39 11.40
N ARG A 63 9.33 -5.91 10.37
CA ARG A 63 10.74 -6.24 10.46
C ARG A 63 11.59 -4.97 10.59
N ARG A 64 11.17 -3.86 9.97
CA ARG A 64 11.96 -2.64 9.92
C ARG A 64 11.74 -1.75 11.15
N GLU A 65 10.55 -1.79 11.77
CA GLU A 65 10.22 -0.90 12.86
C GLU A 65 10.00 -1.68 14.16
N ALA A 66 11.05 -1.74 14.98
CA ALA A 66 11.08 -2.54 16.21
C ALA A 66 10.07 -1.99 17.24
N ALA A 67 9.66 -0.73 17.06
CA ALA A 67 8.73 -0.02 17.93
C ALA A 67 7.29 -0.52 17.76
N LEU A 68 7.00 -1.28 16.71
CA LEU A 68 5.64 -1.79 16.49
C LEU A 68 5.45 -3.06 17.32
N THR A 69 4.81 -2.90 18.47
CA THR A 69 4.73 -3.98 19.45
C THR A 69 3.31 -4.08 20.02
N ALA A 70 2.42 -3.17 19.59
CA ALA A 70 1.05 -3.15 20.10
C ALA A 70 0.33 -4.41 19.64
N ARG A 71 -0.23 -5.14 20.61
CA ARG A 71 -0.78 -6.47 20.36
C ARG A 71 -1.70 -6.47 19.14
N MET A 72 -2.73 -5.61 19.18
CA MET A 72 -3.71 -5.48 18.10
C MET A 72 -3.44 -4.20 17.31
N SER A 73 -3.04 -4.37 16.04
CA SER A 73 -2.50 -3.28 15.25
C SER A 73 -3.31 -3.13 13.96
N LYS A 74 -3.86 -1.94 13.72
CA LYS A 74 -4.68 -1.79 12.53
C LYS A 74 -4.02 -0.78 11.60
N PHE A 75 -4.18 -0.98 10.28
CA PHE A 75 -3.55 -0.11 9.30
C PHE A 75 -4.61 0.29 8.28
N TRP A 76 -4.84 1.60 8.10
CA TRP A 76 -5.88 2.00 7.15
C TRP A 76 -5.64 1.45 5.75
N ILE A 77 -6.72 1.13 5.02
CA ILE A 77 -6.68 0.95 3.58
C ILE A 77 -7.76 1.84 2.97
N GLY A 78 -7.90 1.85 1.63
CA GLY A 78 -8.78 2.85 1.04
C GLY A 78 -10.18 2.34 0.67
N LEU A 79 -10.96 1.96 1.68
CA LEU A 79 -12.28 1.39 1.51
C LEU A 79 -13.20 2.09 2.52
N GLN A 80 -14.30 2.64 2.03
CA GLN A 80 -15.16 3.42 2.95
C GLN A 80 -16.61 3.37 2.53
N ARG A 81 -17.50 3.62 3.47
CA ARG A 81 -18.91 3.72 3.12
C ARG A 81 -19.39 5.06 3.66
N GLU A 82 -20.01 5.83 2.77
CA GLU A 82 -20.33 7.22 3.05
C GLU A 82 -21.53 7.26 3.98
N LYS A 83 -21.59 8.35 4.74
CA LYS A 83 -22.75 8.63 5.57
C LYS A 83 -23.97 8.66 4.65
N GLY A 84 -25.05 7.99 5.06
CA GLY A 84 -26.26 8.03 4.24
C GLY A 84 -26.50 6.73 3.48
N LYS A 85 -25.46 5.90 3.27
CA LYS A 85 -25.54 4.66 2.53
C LYS A 85 -25.59 3.49 3.52
N CYS A 86 -26.62 2.64 3.40
CA CYS A 86 -26.81 1.48 4.26
C CYS A 86 -25.85 0.34 3.86
N LEU A 87 -25.61 -0.60 4.79
CA LEU A 87 -24.90 -1.84 4.46
C LEU A 87 -25.64 -2.51 3.32
N ASP A 88 -24.90 -3.05 2.35
CA ASP A 88 -25.49 -3.82 1.25
C ASP A 88 -24.94 -5.26 1.24
N PRO A 89 -25.59 -6.22 1.92
CA PRO A 89 -25.01 -7.55 2.09
C PRO A 89 -25.28 -8.41 0.85
N SER A 90 -25.56 -7.79 -0.30
CA SER A 90 -25.67 -8.60 -1.51
C SER A 90 -24.33 -8.77 -2.20
N LEU A 91 -23.29 -7.98 -1.82
CA LEU A 91 -21.97 -8.16 -2.42
C LEU A 91 -20.84 -8.21 -1.39
N PRO A 92 -19.66 -8.73 -1.80
CA PRO A 92 -18.51 -8.91 -0.89
C PRO A 92 -18.07 -7.64 -0.16
N LEU A 93 -18.10 -6.48 -0.85
CA LEU A 93 -17.65 -5.23 -0.24
C LEU A 93 -18.76 -4.60 0.61
N LYS A 94 -19.96 -5.19 0.60
CA LYS A 94 -20.98 -4.85 1.58
C LYS A 94 -21.48 -3.40 1.45
N GLY A 95 -21.30 -2.75 0.30
CA GLY A 95 -21.74 -1.37 0.20
C GLY A 95 -20.60 -0.36 0.36
N PHE A 96 -19.39 -0.85 0.67
CA PHE A 96 -18.25 0.03 0.71
C PHE A 96 -17.71 0.20 -0.72
N SER A 97 -16.96 1.27 -0.96
N SER A 97 -16.95 1.28 -0.93
CA SER A 97 -16.33 1.46 -2.27
CA SER A 97 -16.32 1.58 -2.22
C SER A 97 -14.88 1.90 -2.09
C SER A 97 -14.83 1.85 -2.00
N TRP A 98 -14.03 1.51 -3.04
CA TRP A 98 -12.61 1.84 -3.03
C TRP A 98 -12.38 3.31 -3.32
N VAL A 99 -11.31 3.89 -2.74
CA VAL A 99 -10.79 5.18 -3.19
C VAL A 99 -10.48 5.07 -4.69
N GLY A 100 -10.95 6.07 -5.43
CA GLY A 100 -10.77 6.09 -6.88
C GLY A 100 -11.84 5.29 -7.61
N GLY A 101 -12.90 4.87 -6.89
CA GLY A 101 -14.09 4.28 -7.47
C GLY A 101 -14.13 2.75 -7.44
N GLY A 102 -15.31 2.19 -7.22
CA GLY A 102 -15.42 0.71 -7.23
C GLY A 102 -16.12 0.16 -6.00
N GLU A 103 -17.09 -0.71 -6.22
CA GLU A 103 -17.88 -1.29 -5.10
C GLU A 103 -18.18 -2.75 -5.40
N ASP A 104 -17.53 -3.30 -6.42
CA ASP A 104 -17.93 -4.66 -6.85
C ASP A 104 -16.75 -5.62 -6.96
N THR A 105 -15.61 -5.33 -6.34
CA THR A 105 -14.55 -6.33 -6.45
C THR A 105 -14.92 -7.61 -5.71
N PRO A 106 -14.35 -8.77 -6.10
CA PRO A 106 -14.84 -10.02 -5.55
C PRO A 106 -14.29 -10.48 -4.20
N TYR A 107 -13.21 -9.86 -3.73
CA TYR A 107 -12.52 -10.39 -2.55
C TYR A 107 -12.95 -9.60 -1.32
N SER A 108 -13.08 -10.30 -0.17
CA SER A 108 -13.15 -9.59 1.10
C SER A 108 -12.64 -10.47 2.20
N ASN A 109 -12.33 -9.88 3.36
CA ASN A 109 -11.87 -10.66 4.51
C ASN A 109 -12.37 -10.07 5.83
N TRP A 110 -13.69 -9.91 5.98
CA TRP A 110 -14.22 -9.13 7.08
C TRP A 110 -14.04 -9.90 8.38
N HIS A 111 -13.65 -9.17 9.42
CA HIS A 111 -13.27 -9.65 10.73
C HIS A 111 -14.49 -10.17 11.47
N LYS A 112 -15.59 -9.42 11.45
CA LYS A 112 -16.75 -9.82 12.24
C LYS A 112 -17.98 -9.24 11.57
N GLU A 113 -19.14 -9.35 12.22
CA GLU A 113 -20.35 -8.72 11.71
C GLU A 113 -20.14 -7.21 11.60
N LEU A 114 -20.59 -6.62 10.49
CA LEU A 114 -20.46 -5.19 10.29
C LEU A 114 -21.67 -4.51 10.92
N ARG A 115 -21.47 -3.27 11.33
CA ARG A 115 -22.47 -2.41 11.97
C ARG A 115 -23.50 -2.10 10.91
N ASN A 116 -24.76 -2.41 11.18
CA ASN A 116 -25.85 -2.20 10.19
C ASN A 116 -26.36 -0.77 10.29
N SER A 117 -25.49 0.20 10.03
CA SER A 117 -25.88 1.59 10.19
C SER A 117 -25.96 2.25 8.82
N CYS A 118 -26.87 3.23 8.73
CA CYS A 118 -27.02 3.99 7.50
C CYS A 118 -26.62 5.45 7.71
N ILE A 119 -26.07 5.77 8.88
CA ILE A 119 -26.11 7.14 9.34
C ILE A 119 -24.71 7.74 9.54
N SER A 120 -23.65 6.94 9.35
CA SER A 120 -22.33 7.50 9.60
C SER A 120 -21.34 6.96 8.57
N LYS A 121 -20.21 7.65 8.43
CA LYS A 121 -19.18 7.20 7.51
C LYS A 121 -18.40 6.07 8.21
N ARG A 122 -18.10 5.01 7.46
CA ARG A 122 -17.38 3.84 7.99
C ARG A 122 -16.10 3.67 7.16
N CYS A 123 -14.96 3.54 7.83
CA CYS A 123 -13.69 3.30 7.16
C CYS A 123 -13.15 1.93 7.54
N VAL A 124 -12.14 1.45 6.80
CA VAL A 124 -11.72 0.07 6.97
C VAL A 124 -10.22 0.06 7.24
N SER A 125 -9.79 -0.84 8.12
CA SER A 125 -8.36 -0.98 8.35
C SER A 125 -8.01 -2.46 8.38
N LEU A 126 -6.73 -2.76 8.14
CA LEU A 126 -6.29 -4.14 8.23
C LEU A 126 -5.80 -4.42 9.66
N LEU A 127 -6.35 -5.47 10.26
CA LEU A 127 -6.04 -5.88 11.62
C LEU A 127 -4.96 -6.96 11.64
N LEU A 128 -3.82 -6.65 12.27
CA LEU A 128 -2.83 -7.65 12.56
C LEU A 128 -2.79 -7.84 14.07
N ASP A 129 -2.86 -9.10 14.47
CA ASP A 129 -2.65 -9.52 15.85
C ASP A 129 -1.20 -9.98 15.93
N LEU A 130 -0.37 -9.08 16.47
CA LEU A 130 1.07 -9.23 16.45
C LEU A 130 1.54 -10.28 17.44
N SER A 131 0.60 -11.04 18.03
CA SER A 131 0.95 -12.21 18.81
C SER A 131 0.95 -13.50 17.98
N GLN A 132 0.47 -13.43 16.72
CA GLN A 132 0.40 -14.61 15.88
C GLN A 132 1.37 -14.48 14.69
N PRO A 133 1.87 -15.61 14.10
CA PRO A 133 2.65 -15.53 12.85
C PRO A 133 1.88 -14.91 11.68
N LEU A 134 2.63 -14.30 10.75
CA LEU A 134 2.10 -13.55 9.62
C LEU A 134 2.38 -14.36 8.34
N LEU A 135 1.43 -15.22 7.96
CA LEU A 135 1.67 -16.26 6.98
C LEU A 135 0.78 -16.03 5.77
N PRO A 136 1.21 -16.44 4.54
CA PRO A 136 0.45 -16.21 3.31
C PRO A 136 -0.91 -16.89 3.33
N SER A 137 -1.11 -17.81 4.26
CA SER A 137 -2.32 -18.61 4.33
C SER A 137 -3.44 -17.85 5.04
N ARG A 138 -3.09 -16.94 5.95
CA ARG A 138 -4.10 -16.23 6.71
C ARG A 138 -3.88 -14.74 6.51
N LEU A 139 -4.53 -14.18 5.48
CA LEU A 139 -4.33 -12.78 5.11
C LEU A 139 -4.97 -11.85 6.14
N PRO A 140 -4.55 -10.57 6.22
CA PRO A 140 -5.07 -9.65 7.27
C PRO A 140 -6.60 -9.55 7.24
N LYS A 141 -7.24 -9.49 8.42
CA LYS A 141 -8.69 -9.34 8.43
C LYS A 141 -9.06 -7.86 8.28
N TRP A 142 -10.26 -7.60 7.74
CA TRP A 142 -10.72 -6.23 7.52
C TRP A 142 -11.56 -5.80 8.71
N SER A 143 -11.21 -4.63 9.27
CA SER A 143 -11.96 -4.17 10.43
C SER A 143 -12.59 -2.82 10.07
N GLU A 144 -13.93 -2.69 10.22
CA GLU A 144 -14.61 -1.45 9.85
C GLU A 144 -15.05 -0.69 11.11
N GLY A 145 -14.95 0.63 11.04
CA GLY A 145 -15.21 1.44 12.21
C GLY A 145 -15.27 2.92 11.83
N PRO A 146 -15.32 3.82 12.85
CA PRO A 146 -15.27 5.26 12.58
C PRO A 146 -13.94 5.64 11.94
N CYS A 147 -13.93 6.75 11.23
CA CYS A 147 -12.77 7.13 10.45
C CYS A 147 -11.72 7.94 11.21
N GLY A 148 -11.94 8.25 12.49
CA GLY A 148 -10.97 9.03 13.26
C GLY A 148 -11.02 10.53 12.96
N SER A 149 -10.27 11.32 13.74
CA SER A 149 -10.16 12.77 13.50
C SER A 149 -8.80 13.24 13.98
N PRO A 150 -8.34 14.47 13.59
CA PRO A 150 -7.02 14.96 14.00
C PRO A 150 -6.83 14.76 15.50
N GLY A 151 -5.78 14.01 15.86
CA GLY A 151 -5.47 13.70 17.25
C GLY A 151 -6.56 12.90 17.98
N SER A 152 -7.37 12.14 17.22
CA SER A 152 -8.05 10.96 17.75
C SER A 152 -8.18 9.94 16.63
N PRO A 153 -7.04 9.32 16.21
CA PRO A 153 -6.96 8.54 14.97
C PRO A 153 -7.90 7.34 14.93
N GLY A 154 -8.11 6.75 16.10
CA GLY A 154 -8.97 5.60 16.24
C GLY A 154 -8.25 4.54 17.06
N SER A 155 -9.03 3.67 17.72
CA SER A 155 -8.44 2.68 18.59
C SER A 155 -7.66 1.66 17.76
N ASN A 156 -6.43 1.40 18.21
CA ASN A 156 -5.55 0.40 17.64
C ASN A 156 -5.00 0.81 16.28
N ILE A 157 -5.27 2.03 15.79
CA ILE A 157 -4.61 2.53 14.59
C ILE A 157 -3.11 2.77 14.86
N GLU A 158 -2.27 2.12 14.04
CA GLU A 158 -0.83 2.12 14.22
C GLU A 158 -0.17 2.55 12.92
N GLY A 159 -0.98 2.68 11.85
CA GLY A 159 -0.39 3.04 10.57
C GLY A 159 -1.37 2.92 9.41
N PHE A 160 -0.81 2.80 8.19
CA PHE A 160 -1.54 2.88 6.94
C PHE A 160 -0.69 2.32 5.81
N VAL A 161 -1.39 1.96 4.70
CA VAL A 161 -0.77 1.38 3.52
C VAL A 161 -1.17 2.26 2.33
N CYS A 162 -0.19 2.67 1.53
CA CYS A 162 -0.44 3.49 0.36
C CYS A 162 -0.24 2.63 -0.89
N LYS A 163 -0.93 3.00 -1.98
CA LYS A 163 -0.69 2.38 -3.28
C LYS A 163 -0.41 3.49 -4.30
N PHE A 164 0.52 3.23 -5.22
CA PHE A 164 0.89 4.15 -6.29
C PHE A 164 0.89 3.35 -7.59
N SER A 165 0.28 3.91 -8.65
CA SER A 165 0.16 3.23 -9.92
C SER A 165 0.81 4.07 -11.02
N PHE A 166 1.39 3.41 -12.01
CA PHE A 166 2.14 4.15 -13.03
C PHE A 166 1.81 3.50 -14.36
N LYS A 167 1.91 4.27 -15.44
CA LYS A 167 1.64 3.69 -16.74
C LYS A 167 2.91 3.00 -17.27
N GLY A 168 4.10 3.48 -16.87
CA GLY A 168 5.37 2.85 -17.21
C GLY A 168 6.26 2.57 -16.00
N MET A 169 6.98 1.44 -16.07
CA MET A 169 7.98 1.01 -15.10
C MET A 169 9.17 0.46 -15.88
N CYS A 170 10.37 0.52 -15.27
CA CYS A 170 11.58 -0.09 -15.80
C CYS A 170 11.77 -1.46 -15.13
N ARG A 171 12.31 -2.44 -15.85
CA ARG A 171 12.76 -3.66 -15.21
C ARG A 171 13.98 -3.34 -14.34
N PRO A 172 14.29 -4.11 -13.28
CA PRO A 172 15.40 -3.74 -12.39
C PRO A 172 16.72 -3.68 -13.18
N LEU A 173 17.61 -2.78 -12.78
CA LEU A 173 18.86 -2.51 -13.49
C LEU A 173 19.82 -3.70 -13.35
N ALA A 174 20.18 -4.32 -14.48
CA ALA A 174 21.10 -5.45 -14.52
C ALA A 174 22.54 -4.98 -14.32
N LEU A 175 23.41 -5.92 -13.91
CA LEU A 175 24.85 -5.70 -13.80
C LEU A 175 25.61 -6.71 -14.66
N PRO A 178 28.62 -7.09 -11.44
CA PRO A 178 29.24 -7.42 -10.14
C PRO A 178 29.50 -6.19 -9.27
N GLY A 179 28.70 -6.07 -8.18
CA GLY A 179 28.53 -4.85 -7.40
C GLY A 179 27.10 -4.74 -6.83
N GLN A 180 26.70 -3.53 -6.42
CA GLN A 180 25.46 -3.25 -5.68
C GLN A 180 24.61 -2.16 -6.35
N VAL A 181 23.26 -2.28 -6.32
CA VAL A 181 22.35 -1.25 -6.85
C VAL A 181 21.23 -0.91 -5.86
N THR A 182 20.78 0.35 -5.89
CA THR A 182 19.82 0.93 -4.96
C THR A 182 18.93 1.98 -5.63
N TYR A 183 17.66 1.61 -5.90
CA TYR A 183 16.74 2.47 -6.62
C TYR A 183 16.08 3.47 -5.68
N THR A 184 15.79 4.65 -6.17
CA THR A 184 14.99 5.56 -5.37
C THR A 184 13.77 6.02 -6.18
N THR A 185 12.60 5.53 -5.76
CA THR A 185 11.33 5.72 -6.46
C THR A 185 10.95 7.20 -6.44
N PRO A 186 10.04 7.66 -7.34
CA PRO A 186 9.40 8.97 -7.26
C PRO A 186 8.45 9.31 -6.10
N PHE A 187 8.02 8.33 -5.32
CA PHE A 187 7.19 8.72 -4.19
C PHE A 187 8.09 8.78 -2.97
N GLN A 188 9.36 9.08 -3.23
CA GLN A 188 10.30 9.61 -2.26
C GLN A 188 10.66 8.54 -1.24
N THR A 189 10.18 7.32 -1.49
CA THR A 189 10.81 6.15 -0.91
C THR A 189 12.09 5.91 -1.66
N THR A 190 13.06 5.31 -0.97
CA THR A 190 14.30 4.86 -1.55
C THR A 190 14.42 3.40 -1.12
N SER A 191 15.03 2.52 -1.91
CA SER A 191 15.18 1.13 -1.46
C SER A 191 15.95 0.31 -2.48
N SER A 192 16.15 -0.98 -2.16
CA SER A 192 16.77 -1.95 -3.04
C SER A 192 15.81 -3.10 -3.30
N SER A 193 16.17 -3.94 -4.27
CA SER A 193 15.34 -5.06 -4.70
C SER A 193 13.90 -4.60 -4.94
N LEU A 194 13.67 -3.69 -5.90
CA LEU A 194 12.32 -3.45 -6.41
C LEU A 194 12.09 -4.35 -7.60
N GLU A 195 10.89 -4.93 -7.69
CA GLU A 195 10.64 -5.90 -8.74
C GLU A 195 10.23 -5.16 -10.02
N ALA A 196 9.73 -3.94 -9.86
CA ALA A 196 9.45 -3.05 -10.97
C ALA A 196 9.80 -1.66 -10.48
N VAL A 197 10.33 -0.83 -11.38
CA VAL A 197 10.77 0.48 -10.95
C VAL A 197 9.99 1.55 -11.70
N PRO A 198 9.27 2.42 -10.98
CA PRO A 198 8.42 3.42 -11.61
C PRO A 198 9.17 4.39 -12.51
N PHE A 199 8.47 4.84 -13.54
CA PHE A 199 9.07 5.84 -14.47
C PHE A 199 9.59 7.03 -13.67
N ALA A 200 10.69 7.63 -14.12
CA ALA A 200 11.24 8.85 -13.48
C ALA A 200 11.96 8.49 -12.18
N SER A 201 12.24 7.21 -11.98
CA SER A 201 12.96 6.79 -10.76
C SER A 201 14.47 6.84 -10.98
N ALA A 202 15.17 7.61 -10.15
CA ALA A 202 16.62 7.55 -10.12
C ALA A 202 17.04 6.20 -9.57
N ALA A 203 18.07 5.63 -10.17
CA ALA A 203 18.82 4.53 -9.58
C ALA A 203 20.19 5.03 -9.12
N ASN A 204 20.75 4.40 -8.08
CA ASN A 204 22.09 4.72 -7.57
C ASN A 204 22.93 3.44 -7.49
N VAL A 205 23.89 3.27 -8.43
CA VAL A 205 24.70 2.06 -8.57
C VAL A 205 26.06 2.29 -7.88
N ALA A 206 26.88 1.22 -7.80
CA ALA A 206 28.20 1.21 -7.17
C ALA A 206 28.87 -0.14 -7.44
N CYS A 207 29.85 -0.16 -8.35
CA CYS A 207 30.49 -1.42 -8.75
C CYS A 207 31.59 -1.77 -7.75
N SER A 217 30.22 5.29 -8.56
CA SER A 217 28.75 5.20 -8.32
C SER A 217 27.98 5.92 -9.44
N HIS A 218 27.50 5.13 -10.41
CA HIS A 218 26.79 5.66 -11.57
C HIS A 218 25.32 5.93 -11.21
N TYR A 219 24.76 7.05 -11.72
CA TYR A 219 23.39 7.49 -11.50
C TYR A 219 22.63 7.54 -12.83
N PHE A 220 21.43 6.97 -12.87
CA PHE A 220 20.59 6.96 -14.05
C PHE A 220 19.12 7.16 -13.71
N LEU A 221 18.34 7.62 -14.69
CA LEU A 221 16.90 7.81 -14.54
C LEU A 221 16.15 6.79 -15.38
N CYS A 222 14.92 6.46 -14.97
CA CYS A 222 14.08 5.55 -15.74
C CYS A 222 13.29 6.42 -16.72
N LYS A 223 13.54 6.23 -18.02
CA LYS A 223 12.93 7.14 -18.98
C LYS A 223 12.26 6.37 -20.11
N GLU A 224 11.27 7.04 -20.69
CA GLU A 224 10.60 6.57 -21.88
C GLU A 224 11.51 6.89 -23.07
N LYS A 225 11.86 5.83 -23.82
CA LYS A 225 12.63 5.92 -25.06
C LYS A 225 11.64 5.96 -26.22
N ALA A 226 11.51 4.87 -26.98
CA ALA A 226 10.39 4.80 -27.90
C ALA A 226 9.06 4.84 -27.12
N PRO A 227 7.92 5.21 -27.77
CA PRO A 227 6.62 5.21 -27.08
C PRO A 227 6.34 3.88 -26.33
N ASP A 228 5.99 4.02 -25.05
CA ASP A 228 5.69 2.90 -24.16
C ASP A 228 6.89 2.00 -23.92
N VAL A 229 8.09 2.50 -24.24
CA VAL A 229 9.30 1.76 -23.94
C VAL A 229 10.04 2.49 -22.82
N PHE A 230 10.33 1.76 -21.74
CA PHE A 230 10.95 2.43 -20.59
C PHE A 230 12.21 1.63 -20.22
N ASP A 231 13.35 2.35 -20.10
CA ASP A 231 14.58 1.70 -19.66
C ASP A 231 15.53 2.75 -19.09
N TRP A 232 16.69 2.25 -18.64
CA TRP A 232 17.62 3.03 -17.85
C TRP A 232 18.53 3.89 -18.74
N GLY A 233 18.62 3.55 -20.03
CA GLY A 233 19.53 4.26 -20.91
C GLY A 233 20.98 4.11 -20.43
N SER A 234 21.53 2.91 -20.67
CA SER A 234 22.88 2.56 -20.25
C SER A 234 23.39 1.43 -21.15
N SER A 235 24.10 1.82 -22.20
CA SER A 235 24.72 0.79 -23.07
C SER A 235 25.90 0.19 -22.29
N GLY A 236 26.01 -1.12 -22.28
CA GLY A 236 27.09 -1.76 -21.50
C GLY A 236 26.62 -2.05 -20.09
N PRO A 237 25.93 -3.18 -19.83
CA PRO A 237 25.57 -3.55 -18.46
C PRO A 237 26.82 -3.16 -17.68
N LEU A 238 26.67 -2.24 -16.74
CA LEU A 238 27.84 -1.71 -16.05
C LEU A 238 28.46 -2.79 -15.15
N CYS A 239 29.63 -2.47 -14.59
CA CYS A 239 30.39 -3.32 -13.68
C CYS A 239 30.81 -4.62 -14.38
C1 GOL B . -9.71 -13.05 -7.57
O1 GOL B . -9.94 -11.85 -8.30
C2 GOL B . -8.70 -12.86 -6.46
O2 GOL B . -9.32 -13.05 -5.19
C3 GOL B . -7.46 -13.72 -6.58
O3 GOL B . -6.28 -12.94 -6.69
C1 GOL C . -5.79 -6.05 -8.42
O1 GOL C . -6.78 -6.11 -9.43
C2 GOL C . -4.86 -7.25 -8.45
O2 GOL C . -5.33 -8.22 -9.39
C3 GOL C . -3.43 -6.88 -8.76
O3 GOL C . -2.54 -7.23 -7.70
C1 GOL D . -28.39 -1.54 -1.20
O1 GOL D . -29.32 -1.64 -2.28
C2 GOL D . -28.93 -0.69 -0.05
O2 GOL D . -29.71 -1.48 0.83
C3 GOL D . -27.88 0.08 0.72
O3 GOL D . -26.58 0.01 0.13
C1 GOL E . -26.94 -5.43 14.33
O1 GOL E . -28.11 -5.25 13.54
C2 GOL E . -25.72 -4.88 13.62
O2 GOL E . -25.55 -3.50 13.92
C3 GOL E . -24.46 -5.68 13.86
O3 GOL E . -23.91 -5.44 15.15
C1 GOL F . 20.21 11.10 -17.97
O1 GOL F . 19.79 11.86 -16.84
C2 GOL F . 19.50 9.76 -18.04
O2 GOL F . 19.05 9.52 -19.36
C3 GOL F . 20.36 8.60 -17.58
O3 GOL F . 19.56 7.58 -17.00
C1 GOL G . -13.62 -13.85 -1.52
O1 GOL G . -12.85 -13.35 -0.44
C2 GOL G . -15.09 -13.87 -1.14
O2 GOL G . -15.25 -14.48 0.14
C3 GOL G . -15.70 -12.49 -1.16
O3 GOL G . -16.13 -12.06 0.12
S SO4 H . -18.50 1.31 16.14
O1 SO4 H . -17.41 1.49 17.05
O2 SO4 H . -19.50 0.42 16.70
O3 SO4 H . -17.99 0.74 14.92
O4 SO4 H . -19.10 2.59 15.88
S SO4 I . -11.52 1.96 13.54
O1 SO4 I . -12.47 1.13 14.27
O2 SO4 I . -10.22 1.34 13.57
O3 SO4 I . -11.98 2.10 12.18
O4 SO4 I . -11.45 3.26 14.15
S SO4 J . 13.10 -7.03 5.21
O1 SO4 J . 14.35 -7.67 5.43
O2 SO4 J . 12.34 -6.91 6.36
O3 SO4 J . 12.37 -7.77 4.19
O4 SO4 J . 13.36 -5.70 4.64
#